data_4WZL
#
_entry.id   4WZL
#
_cell.length_a   96.870
_cell.length_b   58.830
_cell.length_c   124.440
_cell.angle_alpha   90.000
_cell.angle_beta   119.800
_cell.angle_gamma   90.000
#
_symmetry.space_group_name_H-M   'C 1 2 1'
#
loop_
_entity.id
_entity.type
_entity.pdbx_description
1 polymer VP1
2 branched beta-D-galactopyranose-(1-3)-[alpha-L-fucopyranose-(1-4)]2-acetamido-2-deoxy-alpha-D-glucopyranose
3 non-polymer 1,2-ETHANEDIOL
4 non-polymer 'ACETATE ION'
5 water water
#
_entity_poly.entity_id   1
_entity_poly.type   'polypeptide(L)'
_entity_poly.pdbx_seq_one_letter_code
;GSKPFTVPILTVEEMTNSRFPIPLEKLFTGPSGAFVVQPQNGRCTTDGVLLGTTQLSPVNICTFRGDVTHIAGSRNYTMN
LASLNWNNYDPTEEIPAPLGTPDFVGKIQGLLTQTTKGDGSTRGHKATVYTGSAPFTPKLGSVQFSTDTENDFETHQNTK
FTPVGVIQDGSTTHRNEPQQWVLPSYSGRNVHNVHLAPAVAPTFPGEQLLFFRSTMPGCSGYPNMDLDCLLPQEWVQHFY
QEAAPAQSDVALLRFVNPDTGRVLFECKLHKSGYVTVAHTGQHDLVIPPNGYFRFDSWVNQFYTLAPM
;
_entity_poly.pdbx_strand_id   A,B
#
# COMPACT_ATOMS: atom_id res chain seq x y z
N GLY A 1 19.72 23.55 -19.16
CA GLY A 1 19.86 22.14 -19.45
C GLY A 1 19.43 21.27 -18.30
N SER A 2 18.29 21.61 -17.70
CA SER A 2 17.76 20.87 -16.57
C SER A 2 16.61 19.98 -17.04
N LYS A 3 16.58 18.74 -16.56
CA LYS A 3 15.45 17.87 -16.83
C LYS A 3 14.15 18.51 -16.32
N PRO A 4 13.10 18.55 -17.16
CA PRO A 4 11.87 19.25 -16.76
C PRO A 4 11.16 18.61 -15.57
N PHE A 5 10.79 19.43 -14.60
CA PHE A 5 10.11 18.98 -13.39
C PHE A 5 8.64 18.72 -13.66
N THR A 6 8.10 17.67 -13.04
CA THR A 6 6.67 17.35 -13.14
C THR A 6 6.18 16.76 -11.83
N VAL A 7 4.87 16.86 -11.59
CA VAL A 7 4.21 16.06 -10.56
C VAL A 7 3.21 15.11 -11.23
N PRO A 8 2.88 14.00 -10.55
CA PRO A 8 1.89 13.05 -11.07
C PRO A 8 0.54 13.70 -11.36
N ILE A 9 -0.21 13.15 -12.31
CA ILE A 9 -1.54 13.65 -12.62
C ILE A 9 -2.64 12.85 -11.92
N LEU A 10 -2.23 11.91 -11.06
CA LEU A 10 -3.20 11.21 -10.22
C LEU A 10 -3.96 12.24 -9.38
N THR A 11 -5.25 12.02 -9.21
CA THR A 11 -6.05 12.86 -8.34
C THR A 11 -5.76 12.54 -6.88
N VAL A 12 -6.21 13.40 -5.98
CA VAL A 12 -5.96 13.19 -4.56
C VAL A 12 -6.49 11.83 -4.10
N GLU A 13 -7.72 11.50 -4.48
CA GLU A 13 -8.34 10.27 -4.03
C GLU A 13 -7.79 9.03 -4.75
N GLU A 14 -6.96 9.25 -5.76
CA GLU A 14 -6.23 8.17 -6.42
C GLU A 14 -4.85 7.91 -5.81
N MET A 15 -4.51 8.61 -4.73
CA MET A 15 -3.17 8.50 -4.14
C MET A 15 -3.20 8.01 -2.69
N THR A 16 -2.00 7.80 -2.14
CA THR A 16 -1.81 7.12 -0.88
C THR A 16 -1.09 8.00 0.13
N ASN A 17 -1.52 7.94 1.39
CA ASN A 17 -0.83 8.61 2.47
C ASN A 17 0.60 8.07 2.60
N SER A 18 1.55 8.95 2.85
CA SER A 18 2.95 8.54 3.00
C SER A 18 3.35 8.27 4.46
N ARG A 19 2.41 8.42 5.39
CA ARG A 19 2.69 8.22 6.82
C ARG A 19 1.94 7.03 7.43
N PHE A 20 1.05 6.42 6.67
CA PHE A 20 0.29 5.24 7.10
C PHE A 20 -0.29 4.62 5.83
N PRO A 21 -0.38 3.28 5.76
CA PRO A 21 -0.78 2.66 4.49
C PRO A 21 -2.29 2.71 4.25
N ILE A 22 -2.78 3.91 3.96
CA ILE A 22 -4.20 4.15 3.69
C ILE A 22 -4.35 5.21 2.60
N PRO A 23 -5.49 5.19 1.88
CA PRO A 23 -5.67 6.19 0.82
C PRO A 23 -5.80 7.61 1.32
N LEU A 24 -5.43 8.56 0.48
CA LEU A 24 -5.76 9.95 0.75
C LEU A 24 -7.24 10.18 0.58
N GLU A 25 -7.79 11.09 1.38
CA GLU A 25 -9.20 11.41 1.34
C GLU A 25 -9.45 12.85 0.90
N LYS A 26 -8.58 13.75 1.31
CA LYS A 26 -8.82 15.17 1.10
C LYS A 26 -7.58 16.00 1.32
N LEU A 27 -7.71 17.28 0.95
CA LEU A 27 -6.69 18.28 1.24
C LEU A 27 -7.18 19.09 2.44
N PHE A 28 -6.25 19.43 3.33
CA PHE A 28 -6.56 20.23 4.51
C PHE A 28 -5.47 21.27 4.76
N THR A 29 -5.87 22.46 5.18
CA THR A 29 -4.91 23.46 5.60
C THR A 29 -5.31 24.00 6.96
N GLY A 30 -4.30 24.29 7.78
CA GLY A 30 -4.55 24.89 9.08
C GLY A 30 -3.27 25.50 9.59
N PRO A 31 -3.36 26.35 10.62
CA PRO A 31 -2.18 26.96 11.22
C PRO A 31 -1.34 25.93 11.97
N SER A 32 -0.02 26.10 11.96
CA SER A 32 0.88 25.20 12.70
C SER A 32 2.06 25.96 13.29
N GLY A 33 1.87 27.26 13.54
CA GLY A 33 2.90 28.08 14.13
C GLY A 33 3.20 27.72 15.58
N ALA A 34 2.20 27.16 16.27
CA ALA A 34 2.31 26.88 17.70
C ALA A 34 3.17 25.65 18.01
N PHE A 35 3.44 24.83 17.00
CA PHE A 35 4.14 23.57 17.22
C PHE A 35 5.04 23.18 16.05
N VAL A 36 5.90 22.20 16.28
CA VAL A 36 6.86 21.78 15.27
C VAL A 36 6.30 20.66 14.39
N VAL A 37 6.34 20.89 13.09
CA VAL A 37 5.88 19.92 12.10
C VAL A 37 7.12 19.25 11.51
N GLN A 38 7.39 18.02 11.94
CA GLN A 38 8.64 17.34 11.57
C GLN A 38 8.43 15.85 11.32
N PRO A 39 7.48 15.50 10.44
CA PRO A 39 7.29 14.07 10.16
C PRO A 39 8.52 13.49 9.47
N GLN A 40 8.73 12.18 9.61
CA GLN A 40 9.92 11.53 9.08
C GLN A 40 9.62 10.58 7.94
N ASN A 41 8.36 10.17 7.83
CA ASN A 41 7.89 9.44 6.66
C ASN A 41 7.23 10.42 5.68
N GLY A 42 7.27 10.10 4.39
CA GLY A 42 6.76 11.00 3.39
C GLY A 42 7.62 12.24 3.22
N ARG A 43 8.92 12.05 3.36
CA ARG A 43 9.90 13.14 3.22
C ARG A 43 10.84 12.87 2.06
N CYS A 44 10.84 13.79 1.10
CA CYS A 44 11.58 13.63 -0.14
C CYS A 44 11.73 14.99 -0.80
N THR A 45 12.92 15.32 -1.29
CA THR A 45 13.13 16.56 -2.02
C THR A 45 12.52 16.43 -3.41
N THR A 46 12.26 17.55 -4.06
CA THR A 46 11.65 17.49 -5.38
C THR A 46 12.60 16.87 -6.39
N ASP A 47 13.91 16.87 -6.09
CA ASP A 47 14.87 16.25 -7.00
C ASP A 47 15.22 14.81 -6.59
N GLY A 48 14.42 14.24 -5.69
CA GLY A 48 14.40 12.80 -5.49
C GLY A 48 15.26 12.22 -4.38
N VAL A 49 15.64 13.05 -3.41
CA VAL A 49 16.42 12.58 -2.27
C VAL A 49 15.49 12.25 -1.10
N LEU A 50 15.45 10.96 -0.74
CA LEU A 50 14.65 10.51 0.39
C LEU A 50 15.27 10.99 1.71
N LEU A 51 14.41 11.41 2.64
CA LEU A 51 14.85 11.93 3.93
C LEU A 51 14.19 11.20 5.10
N GLY A 52 14.72 11.41 6.30
CA GLY A 52 14.15 10.81 7.49
C GLY A 52 14.18 9.30 7.45
N THR A 53 13.02 8.69 7.69
CA THR A 53 12.85 7.24 7.62
C THR A 53 12.08 6.84 6.36
N THR A 54 12.05 7.73 5.38
CA THR A 54 11.22 7.50 4.20
C THR A 54 11.81 6.43 3.29
N GLN A 55 10.95 5.50 2.89
CA GLN A 55 11.28 4.50 1.89
C GLN A 55 10.17 4.48 0.84
N LEU A 56 10.31 3.65 -0.18
CA LEU A 56 9.50 3.80 -1.39
C LEU A 56 8.17 3.06 -1.40
N SER A 57 8.01 2.07 -0.54
CA SER A 57 6.84 1.22 -0.56
C SER A 57 5.67 1.77 0.26
N PRO A 58 4.48 1.92 -0.36
CA PRO A 58 3.34 2.39 0.43
C PRO A 58 2.90 1.39 1.50
N VAL A 59 3.14 0.10 1.29
CA VAL A 59 2.65 -0.90 2.23
C VAL A 59 3.63 -1.22 3.37
N ASN A 60 4.87 -0.73 3.26
CA ASN A 60 5.86 -0.92 4.32
C ASN A 60 5.78 0.14 5.43
N ILE A 61 4.98 1.17 5.21
CA ILE A 61 4.88 2.26 6.18
C ILE A 61 4.25 1.75 7.49
N CYS A 62 4.94 2.00 8.60
CA CYS A 62 4.55 1.57 9.94
C CYS A 62 4.55 0.04 10.11
N THR A 63 5.29 -0.67 9.25
CA THR A 63 5.56 -2.09 9.50
C THR A 63 6.83 -2.29 10.33
N PHE A 64 6.97 -3.49 10.90
CA PHE A 64 8.19 -3.93 11.55
C PHE A 64 8.46 -5.39 11.14
N ARG A 65 9.74 -5.76 11.10
CA ARG A 65 10.17 -7.12 10.78
C ARG A 65 11.26 -7.56 11.73
N GLY A 66 11.31 -8.84 12.06
CA GLY A 66 12.35 -9.34 12.95
C GLY A 66 12.00 -10.70 13.52
N ASP A 67 12.46 -10.97 14.73
CA ASP A 67 12.03 -12.15 15.46
C ASP A 67 11.71 -11.72 16.88
N VAL A 68 10.93 -12.55 17.58
CA VAL A 68 10.35 -12.14 18.84
C VAL A 68 10.72 -13.06 20.00
N THR A 69 10.64 -12.48 21.20
CA THR A 69 10.90 -13.18 22.45
C THR A 69 9.80 -12.84 23.44
N HIS A 70 9.26 -13.85 24.11
CA HIS A 70 8.15 -13.63 25.02
C HIS A 70 8.62 -13.06 26.33
N ILE A 71 7.78 -12.21 26.91
CA ILE A 71 8.00 -11.64 28.24
C ILE A 71 7.11 -12.38 29.23
N ALA A 72 7.73 -13.14 30.11
CA ALA A 72 7.01 -14.00 31.05
C ALA A 72 6.04 -13.20 31.92
N GLY A 73 4.88 -13.80 32.20
CA GLY A 73 3.87 -13.18 33.03
C GLY A 73 2.99 -12.20 32.28
N SER A 74 3.07 -12.21 30.95
CA SER A 74 2.35 -11.24 30.13
C SER A 74 2.03 -11.80 28.74
N ARG A 75 1.34 -10.98 27.95
CA ARG A 75 1.11 -11.29 26.54
C ARG A 75 1.97 -10.38 25.67
N ASN A 76 3.07 -9.90 26.26
CA ASN A 76 4.00 -9.01 25.57
C ASN A 76 5.17 -9.75 24.94
N TYR A 77 5.61 -9.26 23.77
CA TYR A 77 6.75 -9.81 23.07
C TYR A 77 7.72 -8.70 22.69
N THR A 78 9.02 -8.95 22.84
CA THR A 78 10.03 -8.05 22.34
C THR A 78 10.42 -8.48 20.92
N MET A 79 10.38 -7.55 19.97
CA MET A 79 10.86 -7.84 18.63
C MET A 79 12.25 -7.28 18.45
N ASN A 80 13.19 -8.16 18.13
CA ASN A 80 14.52 -7.76 17.70
C ASN A 80 14.49 -7.50 16.20
N LEU A 81 14.64 -6.24 15.82
CA LEU A 81 14.36 -5.83 14.45
C LEU A 81 15.39 -6.31 13.44
N ALA A 82 14.89 -6.66 12.27
CA ALA A 82 15.68 -6.85 11.08
C ALA A 82 15.53 -5.62 10.21
N SER A 83 16.34 -5.52 9.16
CA SER A 83 16.23 -4.41 8.23
C SER A 83 14.98 -4.58 7.39
N LEU A 84 14.70 -3.55 6.60
CA LEU A 84 13.52 -3.52 5.72
C LEU A 84 13.49 -4.74 4.82
N ASN A 85 14.67 -5.28 4.50
CA ASN A 85 14.79 -6.44 3.62
C ASN A 85 15.19 -7.74 4.35
N TRP A 86 14.91 -7.78 5.65
CA TRP A 86 15.09 -8.99 6.48
C TRP A 86 16.54 -9.37 6.74
N ASN A 87 17.47 -8.46 6.49
CA ASN A 87 18.87 -8.68 6.86
C ASN A 87 19.16 -8.12 8.24
N ASN A 88 20.40 -8.29 8.70
CA ASN A 88 20.84 -7.73 9.97
C ASN A 88 20.62 -6.23 9.99
N TYR A 89 20.07 -5.73 11.10
CA TYR A 89 19.84 -4.30 11.24
C TYR A 89 21.10 -3.62 11.78
N ASP A 90 21.46 -2.50 11.15
CA ASP A 90 22.66 -1.74 11.50
C ASP A 90 22.30 -0.43 12.18
N PRO A 91 22.46 -0.35 13.52
CA PRO A 91 22.07 0.87 14.23
C PRO A 91 22.90 2.11 13.88
N THR A 92 23.99 1.94 13.13
CA THR A 92 24.87 3.07 12.84
C THR A 92 24.60 3.74 11.50
N GLU A 93 23.63 3.23 10.74
CA GLU A 93 23.22 3.89 9.52
C GLU A 93 22.72 5.29 9.86
N GLU A 94 22.97 6.25 8.98
CA GLU A 94 22.63 7.64 9.24
C GLU A 94 21.17 7.93 8.98
N ILE A 95 20.31 7.27 9.74
CA ILE A 95 18.86 7.45 9.68
C ILE A 95 18.34 7.53 11.12
N PRO A 96 17.15 8.11 11.34
CA PRO A 96 16.64 8.21 12.71
C PRO A 96 16.25 6.87 13.33
N ALA A 97 15.91 5.92 12.47
CA ALA A 97 15.32 4.64 12.85
C ALA A 97 15.22 3.80 11.59
N PRO A 98 14.88 2.50 11.71
CA PRO A 98 14.68 1.71 10.50
C PRO A 98 13.66 2.35 9.57
N LEU A 99 13.89 2.21 8.27
CA LEU A 99 13.00 2.81 7.29
C LEU A 99 11.57 2.31 7.49
N GLY A 100 10.60 3.21 7.41
CA GLY A 100 9.19 2.87 7.54
C GLY A 100 8.70 2.87 8.98
N THR A 101 9.60 3.04 9.95
CA THR A 101 9.23 3.14 11.35
C THR A 101 8.16 4.23 11.53
N PRO A 102 7.16 3.99 12.40
CA PRO A 102 6.18 5.06 12.67
C PRO A 102 6.85 6.36 13.11
N ASP A 103 6.31 7.49 12.66
CA ASP A 103 6.89 8.79 12.99
C ASP A 103 5.96 9.61 13.87
N PHE A 104 5.08 8.94 14.60
CA PHE A 104 4.23 9.63 15.57
C PHE A 104 3.98 8.80 16.80
N VAL A 105 3.64 9.49 17.89
CA VAL A 105 3.30 8.84 19.14
C VAL A 105 1.85 8.38 19.11
N GLY A 106 1.65 7.08 19.24
CA GLY A 106 0.32 6.51 19.22
C GLY A 106 0.36 5.03 19.49
N LYS A 107 -0.81 4.46 19.71
CA LYS A 107 -0.96 3.02 19.92
C LYS A 107 -1.47 2.42 18.64
N ILE A 108 -0.57 1.78 17.89
CA ILE A 108 -0.87 1.28 16.56
C ILE A 108 -1.17 -0.21 16.65
N GLN A 109 -2.38 -0.59 16.22
CA GLN A 109 -2.83 -1.97 16.28
C GLN A 109 -2.86 -2.59 14.89
N GLY A 110 -2.53 -3.88 14.84
CA GLY A 110 -2.53 -4.62 13.60
C GLY A 110 -2.41 -6.10 13.90
N LEU A 111 -1.76 -6.85 13.02
CA LEU A 111 -1.48 -8.26 13.26
C LEU A 111 0.01 -8.53 13.23
N LEU A 112 0.43 -9.35 14.19
CA LEU A 112 1.75 -9.94 14.21
C LEU A 112 1.64 -11.34 13.62
N THR A 113 2.39 -11.60 12.54
CA THR A 113 2.33 -12.88 11.84
C THR A 113 3.72 -13.53 11.76
N GLN A 114 3.75 -14.84 11.64
CA GLN A 114 5.00 -15.58 11.70
C GLN A 114 4.92 -16.87 10.91
N THR A 115 6.03 -17.23 10.28
CA THR A 115 6.17 -18.50 9.58
C THR A 115 7.38 -19.23 10.12
N THR A 116 7.20 -20.52 10.40
CA THR A 116 8.29 -21.39 10.82
C THR A 116 8.94 -21.96 9.56
N LYS A 117 10.23 -21.72 9.37
CA LYS A 117 10.89 -22.07 8.12
C LYS A 117 10.82 -23.56 7.80
N GLY A 118 11.02 -24.40 8.82
CA GLY A 118 11.15 -25.83 8.62
C GLY A 118 9.97 -26.52 7.97
N ASP A 119 8.76 -26.22 8.44
CA ASP A 119 7.55 -26.90 7.95
C ASP A 119 6.50 -25.97 7.33
N GLY A 120 6.78 -24.67 7.34
CA GLY A 120 5.86 -23.71 6.75
C GLY A 120 4.60 -23.50 7.57
N SER A 121 4.62 -23.89 8.83
CA SER A 121 3.53 -23.60 9.74
C SER A 121 3.49 -22.09 10.02
N THR A 122 2.30 -21.57 10.26
CA THR A 122 2.10 -20.14 10.43
C THR A 122 1.18 -19.82 11.58
N ARG A 123 1.26 -18.58 12.06
CA ARG A 123 0.43 -18.12 13.15
C ARG A 123 0.31 -16.59 13.08
N GLY A 124 -0.81 -16.07 13.56
CA GLY A 124 -1.07 -14.64 13.52
C GLY A 124 -1.93 -14.22 14.69
N HIS A 125 -1.57 -13.10 15.30
CA HIS A 125 -2.29 -12.60 16.47
C HIS A 125 -2.41 -11.09 16.44
N LYS A 126 -3.51 -10.58 16.99
CA LYS A 126 -3.70 -9.15 17.11
C LYS A 126 -2.62 -8.59 18.02
N ALA A 127 -2.09 -7.44 17.66
CA ALA A 127 -0.97 -6.88 18.41
C ALA A 127 -0.97 -5.37 18.31
N THR A 128 -0.45 -4.73 19.35
CA THR A 128 -0.40 -3.29 19.43
C THR A 128 1.00 -2.85 19.85
N VAL A 129 1.53 -1.82 19.20
CA VAL A 129 2.79 -1.22 19.63
C VAL A 129 2.52 0.21 20.08
N TYR A 130 3.01 0.54 21.27
CA TYR A 130 2.90 1.90 21.79
CA TYR A 130 2.91 1.88 21.83
C TYR A 130 4.19 2.65 21.50
N THR A 131 4.14 3.55 20.53
CA THR A 131 5.35 4.21 20.07
C THR A 131 5.85 5.29 21.04
N GLY A 132 5.05 5.58 22.07
CA GLY A 132 5.46 6.50 23.12
C GLY A 132 6.02 5.81 24.35
N SER A 133 6.03 4.48 24.34
CA SER A 133 6.42 3.70 25.51
C SER A 133 7.94 3.60 25.68
N ALA A 134 8.38 3.34 26.90
CA ALA A 134 9.82 3.26 27.20
C ALA A 134 10.52 2.17 26.38
N PRO A 135 9.88 1.01 26.15
CA PRO A 135 10.53 -0.03 25.33
C PRO A 135 10.51 0.24 23.82
N PHE A 136 9.95 1.36 23.37
CA PHE A 136 9.99 1.68 21.94
C PHE A 136 11.35 2.27 21.61
N THR A 137 12.27 1.41 21.17
CA THR A 137 13.64 1.82 20.89
C THR A 137 14.10 1.28 19.53
N PRO A 138 13.33 1.57 18.47
CA PRO A 138 13.62 0.99 17.14
C PRO A 138 15.02 1.32 16.63
N LYS A 139 15.52 2.52 16.89
CA LYS A 139 16.88 2.89 16.47
C LYS A 139 17.90 1.93 17.09
N LEU A 140 17.66 1.50 18.32
CA LEU A 140 18.56 0.57 19.01
C LEU A 140 18.31 -0.88 18.61
N GLY A 141 17.27 -1.11 17.80
CA GLY A 141 17.01 -2.43 17.25
C GLY A 141 15.95 -3.26 17.94
N SER A 142 15.13 -2.64 18.79
CA SER A 142 14.05 -3.39 19.43
C SER A 142 12.82 -2.55 19.79
N VAL A 143 11.66 -3.19 19.69
CA VAL A 143 10.39 -2.62 20.12
C VAL A 143 9.59 -3.72 20.81
N GLN A 144 8.56 -3.31 21.55
CA GLN A 144 7.68 -4.23 22.26
C GLN A 144 6.26 -4.21 21.71
N PHE A 145 5.65 -5.39 21.64
CA PHE A 145 4.25 -5.53 21.22
C PHE A 145 3.44 -6.16 22.33
N SER A 146 2.22 -5.65 22.53
CA SER A 146 1.22 -6.32 23.34
C SER A 146 0.35 -7.15 22.41
N THR A 147 0.10 -8.41 22.76
CA THR A 147 -0.62 -9.31 21.87
C THR A 147 -1.73 -10.06 22.61
N ASP A 148 -2.42 -10.93 21.90
CA ASP A 148 -3.53 -11.70 22.48
C ASP A 148 -3.11 -13.14 22.83
N THR A 149 -1.80 -13.37 22.93
CA THR A 149 -1.28 -14.69 23.27
C THR A 149 -0.09 -14.63 24.23
N GLU A 150 0.04 -15.65 25.07
CA GLU A 150 1.19 -15.77 25.97
C GLU A 150 2.16 -16.89 25.57
N ASN A 151 1.83 -17.67 24.55
CA ASN A 151 2.70 -18.80 24.21
C ASN A 151 2.78 -19.24 22.75
N ASP A 152 1.96 -18.69 21.86
CA ASP A 152 1.89 -19.26 20.51
C ASP A 152 3.09 -18.95 19.62
N PHE A 153 3.69 -17.77 19.77
CA PHE A 153 4.81 -17.39 18.90
C PHE A 153 6.08 -18.18 19.23
N GLU A 154 6.81 -18.55 18.18
CA GLU A 154 8.10 -19.20 18.32
C GLU A 154 9.24 -18.19 18.32
N THR A 155 10.36 -18.55 18.92
CA THR A 155 11.57 -17.75 18.85
C THR A 155 12.33 -18.03 17.56
N HIS A 156 13.09 -17.04 17.12
CA HIS A 156 14.04 -17.18 16.01
C HIS A 156 13.41 -17.63 14.70
N GLN A 157 12.22 -17.10 14.44
CA GLN A 157 11.51 -17.27 13.18
C GLN A 157 11.03 -15.92 12.71
N ASN A 158 11.09 -15.68 11.40
CA ASN A 158 10.70 -14.40 10.83
C ASN A 158 9.28 -14.01 11.22
N THR A 159 9.15 -12.79 11.73
CA THR A 159 7.91 -12.28 12.30
C THR A 159 7.66 -10.89 11.73
N LYS A 160 6.43 -10.63 11.28
CA LYS A 160 6.09 -9.35 10.68
CA LYS A 160 6.07 -9.37 10.66
C LYS A 160 4.93 -8.67 11.41
N PHE A 161 5.03 -7.35 11.57
CA PHE A 161 3.91 -6.54 12.04
C PHE A 161 3.32 -5.79 10.86
N THR A 162 2.02 -6.00 10.65
CA THR A 162 1.26 -5.27 9.64
C THR A 162 0.28 -4.33 10.37
N PRO A 163 0.42 -3.00 10.17
CA PRO A 163 -0.47 -2.07 10.86
C PRO A 163 -1.86 -1.99 10.23
N VAL A 164 -2.88 -1.72 11.05
CA VAL A 164 -4.23 -1.51 10.53
C VAL A 164 -4.80 -0.16 10.99
N GLY A 165 -4.65 0.16 12.27
CA GLY A 165 -5.21 1.39 12.80
C GLY A 165 -4.68 1.77 14.16
N VAL A 166 -5.44 2.60 14.87
CA VAL A 166 -4.98 3.16 16.14
C VAL A 166 -6.05 3.02 17.22
N ILE A 167 -5.61 3.07 18.47
CA ILE A 167 -6.52 2.98 19.62
C ILE A 167 -6.29 4.11 20.61
N GLN A 168 -7.26 4.27 21.50
CA GLN A 168 -7.20 5.27 22.55
C GLN A 168 -7.79 4.69 23.84
N ASP A 169 -7.31 5.19 24.98
CA ASP A 169 -7.82 4.78 26.28
C ASP A 169 -9.10 5.55 26.57
N GLY A 170 -10.24 4.84 26.53
CA GLY A 170 -11.55 5.45 26.65
C GLY A 170 -11.90 5.98 28.03
N SER A 171 -11.00 5.82 28.99
CA SER A 171 -11.21 6.38 30.33
C SER A 171 -10.62 7.78 30.43
N THR A 172 -10.00 8.23 29.35
CA THR A 172 -9.35 9.54 29.31
C THR A 172 -9.98 10.40 28.23
N THR A 173 -9.59 11.67 28.20
CA THR A 173 -10.17 12.66 27.30
C THR A 173 -10.20 12.13 25.87
N HIS A 174 -11.36 12.22 25.24
CA HIS A 174 -11.52 11.68 23.89
C HIS A 174 -10.59 12.39 22.92
N ARG A 175 -10.04 11.61 22.00
CA ARG A 175 -9.21 12.09 20.92
C ARG A 175 -7.93 12.78 21.41
N ASN A 176 -7.46 12.38 22.59
CA ASN A 176 -6.21 12.88 23.14
C ASN A 176 -4.99 12.12 22.62
N GLU A 177 -5.23 11.04 21.88
CA GLU A 177 -4.18 10.28 21.21
C GLU A 177 -4.78 9.54 20.01
N PRO A 178 -3.96 9.21 19.00
CA PRO A 178 -2.54 9.50 18.80
C PRO A 178 -2.24 10.98 18.72
N GLN A 179 -0.96 11.34 18.79
CA GLN A 179 -0.53 12.71 18.61
C GLN A 179 0.39 12.74 17.39
N GLN A 180 -0.18 13.04 16.23
CA GLN A 180 0.52 12.80 14.97
C GLN A 180 1.73 13.70 14.76
N TRP A 181 1.84 14.79 15.52
CA TRP A 181 2.95 15.72 15.36
C TRP A 181 4.01 15.58 16.44
N VAL A 182 3.88 14.57 17.30
CA VAL A 182 4.91 14.27 18.30
C VAL A 182 5.75 13.09 17.83
N LEU A 183 7.05 13.32 17.61
CA LEU A 183 7.93 12.23 17.22
C LEU A 183 8.17 11.27 18.39
N PRO A 184 8.26 9.97 18.08
CA PRO A 184 8.74 9.03 19.11
C PRO A 184 10.18 9.36 19.52
N SER A 185 10.59 8.88 20.68
CA SER A 185 12.00 8.83 21.04
C SER A 185 12.58 7.54 20.49
N TYR A 186 13.20 7.61 19.30
CA TYR A 186 13.56 6.40 18.58
C TYR A 186 14.59 5.54 19.32
N SER A 187 15.40 6.18 20.17
CA SER A 187 16.41 5.48 20.95
C SER A 187 16.04 5.42 22.44
N GLY A 188 14.78 5.68 22.75
CA GLY A 188 14.34 5.74 24.14
C GLY A 188 14.37 7.14 24.69
N ARG A 189 13.70 7.33 25.82
CA ARG A 189 13.37 8.66 26.33
C ARG A 189 14.56 9.55 26.72
N ASN A 190 15.68 8.95 27.14
CA ASN A 190 16.84 9.74 27.56
C ASN A 190 17.84 10.04 26.44
N VAL A 191 17.52 9.62 25.23
CA VAL A 191 18.41 9.80 24.08
C VAL A 191 17.74 10.64 23.01
N HIS A 192 18.44 11.65 22.51
CA HIS A 192 17.90 12.52 21.48
C HIS A 192 17.86 11.82 20.12
N ASN A 193 16.88 12.19 19.30
CA ASN A 193 16.78 11.66 17.94
C ASN A 193 17.89 12.24 17.07
N VAL A 194 18.27 11.51 16.03
CA VAL A 194 19.33 11.93 15.13
C VAL A 194 18.93 11.77 13.67
N HIS A 195 19.63 12.49 12.80
CA HIS A 195 19.50 12.35 11.35
C HIS A 195 18.08 12.62 10.85
N LEU A 196 17.38 13.50 11.54
CA LEU A 196 16.00 13.81 11.22
C LEU A 196 15.86 14.64 9.95
N ALA A 197 14.79 14.39 9.21
CA ALA A 197 14.34 15.32 8.21
C ALA A 197 13.94 16.59 8.96
N PRO A 198 14.20 17.77 8.38
CA PRO A 198 13.97 19.02 9.12
C PRO A 198 12.51 19.35 9.36
N ALA A 199 12.26 20.17 10.38
CA ALA A 199 10.95 20.73 10.61
C ALA A 199 10.61 21.69 9.48
N VAL A 200 9.31 21.79 9.17
CA VAL A 200 8.84 22.65 8.09
C VAL A 200 7.80 23.64 8.59
N ALA A 201 7.79 24.81 7.97
CA ALA A 201 6.83 25.84 8.30
C ALA A 201 6.72 26.83 7.15
N PRO A 202 5.53 27.42 6.97
CA PRO A 202 5.47 28.53 6.02
C PRO A 202 6.24 29.73 6.58
N THR A 203 6.90 30.49 5.72
CA THR A 203 7.59 31.70 6.18
C THR A 203 6.84 32.94 5.73
N PHE A 204 5.99 32.76 4.72
CA PHE A 204 5.32 33.87 4.08
C PHE A 204 4.08 34.25 4.90
N PRO A 205 3.85 35.55 5.12
CA PRO A 205 2.68 35.95 5.91
C PRO A 205 1.38 35.55 5.25
N GLY A 206 0.48 34.95 6.01
CA GLY A 206 -0.81 34.57 5.46
C GLY A 206 -0.78 33.23 4.77
N GLU A 207 0.35 32.54 4.81
CA GLU A 207 0.43 31.18 4.26
C GLU A 207 0.39 30.12 5.35
N GLN A 208 -0.13 28.96 4.96
CA GLN A 208 -0.19 27.77 5.81
C GLN A 208 0.30 26.57 5.02
N LEU A 209 0.69 25.52 5.73
CA LEU A 209 0.96 24.26 5.08
C LEU A 209 -0.32 23.71 4.46
N LEU A 210 -0.17 23.02 3.33
CA LEU A 210 -1.26 22.27 2.73
C LEU A 210 -0.98 20.81 2.98
N PHE A 211 -1.89 20.14 3.66
CA PHE A 211 -1.72 18.75 4.06
C PHE A 211 -2.53 17.81 3.19
N PHE A 212 -1.96 16.62 2.94
CA PHE A 212 -2.66 15.54 2.29
C PHE A 212 -3.18 14.61 3.40
N ARG A 213 -4.50 14.58 3.56
CA ARG A 213 -5.11 14.06 4.78
C ARG A 213 -5.86 12.74 4.56
N SER A 214 -5.71 11.83 5.53
CA SER A 214 -6.45 10.58 5.60
C SER A 214 -7.07 10.41 6.98
N THR A 215 -7.98 9.45 7.10
CA THR A 215 -8.52 9.06 8.39
C THR A 215 -8.05 7.64 8.68
N MET A 216 -7.25 7.47 9.73
CA MET A 216 -6.81 6.14 10.12
C MET A 216 -7.97 5.36 10.71
N PRO A 217 -8.03 4.05 10.41
CA PRO A 217 -9.01 3.23 11.12
C PRO A 217 -8.78 3.27 12.64
N GLY A 218 -9.87 3.24 13.40
CA GLY A 218 -9.81 3.13 14.85
C GLY A 218 -10.19 1.73 15.28
N CYS A 219 -9.46 1.18 16.25
CA CYS A 219 -9.64 -0.21 16.66
C CYS A 219 -10.12 -0.36 18.10
N SER A 220 -10.17 0.75 18.84
CA SER A 220 -10.67 0.77 20.21
C SER A 220 -10.64 2.19 20.78
N GLY A 221 -11.60 2.49 21.64
CA GLY A 221 -11.64 3.80 22.28
C GLY A 221 -12.08 4.92 21.35
N TYR A 222 -11.59 6.12 21.64
CA TYR A 222 -11.98 7.33 20.93
C TYR A 222 -10.73 8.03 20.39
N PRO A 223 -10.04 7.41 19.42
CA PRO A 223 -8.78 7.99 18.94
C PRO A 223 -8.96 9.22 18.04
N ASN A 224 -7.94 10.06 18.01
CA ASN A 224 -7.82 11.07 16.97
C ASN A 224 -7.28 10.40 15.71
N MET A 225 -8.14 10.25 14.71
CA MET A 225 -7.80 9.47 13.53
C MET A 225 -7.29 10.31 12.36
N ASP A 226 -7.22 11.64 12.52
CA ASP A 226 -6.65 12.48 11.47
C ASP A 226 -5.16 12.18 11.23
N LEU A 227 -4.77 12.09 9.97
CA LEU A 227 -3.36 11.89 9.62
C LEU A 227 -2.99 12.67 8.38
N ASP A 228 -2.10 13.63 8.58
CA ASP A 228 -1.68 14.57 7.57
C ASP A 228 -0.25 14.28 7.10
N CYS A 229 -0.06 14.10 5.79
CA CYS A 229 1.30 13.96 5.26
C CYS A 229 1.63 15.14 4.34
N LEU A 230 2.93 15.35 4.13
CA LEU A 230 3.40 16.52 3.38
C LEU A 230 3.42 16.27 1.88
N LEU A 231 3.57 15.00 1.52
CA LEU A 231 3.61 14.54 0.13
C LEU A 231 2.89 13.22 0.00
N PRO A 232 2.08 13.04 -1.06
CA PRO A 232 1.58 11.68 -1.28
C PRO A 232 2.72 10.69 -1.53
N GLN A 233 2.53 9.41 -1.19
CA GLN A 233 3.56 8.42 -1.43
C GLN A 233 3.90 8.34 -2.91
N GLU A 234 2.90 8.55 -3.76
CA GLU A 234 3.14 8.49 -5.20
C GLU A 234 4.04 9.64 -5.67
N TRP A 235 3.99 10.78 -4.99
CA TRP A 235 4.90 11.88 -5.31
C TRP A 235 6.32 11.52 -4.89
N VAL A 236 6.48 10.87 -3.74
CA VAL A 236 7.79 10.40 -3.31
C VAL A 236 8.38 9.46 -4.38
N GLN A 237 7.59 8.51 -4.84
CA GLN A 237 8.05 7.56 -5.86
C GLN A 237 8.40 8.27 -7.17
N HIS A 238 7.61 9.29 -7.50
CA HIS A 238 7.78 10.03 -8.75
C HIS A 238 9.08 10.84 -8.74
N PHE A 239 9.31 11.63 -7.69
CA PHE A 239 10.51 12.45 -7.60
C PHE A 239 11.76 11.56 -7.54
N TYR A 240 11.67 10.46 -6.80
CA TYR A 240 12.78 9.51 -6.70
C TYR A 240 13.21 9.01 -8.07
N GLN A 241 12.26 8.68 -8.93
CA GLN A 241 12.58 8.20 -10.28
C GLN A 241 13.03 9.32 -11.21
N GLU A 242 12.29 10.41 -11.22
CA GLU A 242 12.57 11.51 -12.15
C GLU A 242 13.88 12.22 -11.83
N ALA A 243 14.08 12.51 -10.55
CA ALA A 243 15.28 13.21 -10.09
C ALA A 243 15.53 14.49 -10.88
N ALA A 244 14.46 15.23 -11.16
CA ALA A 244 14.59 16.48 -11.90
C ALA A 244 15.20 17.56 -11.00
N PRO A 245 16.23 18.27 -11.48
CA PRO A 245 16.86 19.29 -10.64
C PRO A 245 15.92 20.44 -10.29
N ALA A 246 16.01 20.92 -9.06
CA ALA A 246 15.22 22.07 -8.64
C ALA A 246 15.91 23.35 -9.13
N GLN A 247 15.24 24.06 -10.04
CA GLN A 247 15.83 25.25 -10.63
C GLN A 247 15.69 26.47 -9.73
N SER A 248 14.85 26.34 -8.71
CA SER A 248 14.70 27.37 -7.68
C SER A 248 14.15 26.74 -6.41
N ASP A 249 14.00 27.56 -5.37
CA ASP A 249 13.52 27.09 -4.08
C ASP A 249 12.09 26.58 -4.13
N VAL A 250 11.31 27.04 -5.10
CA VAL A 250 9.86 26.83 -5.09
C VAL A 250 9.28 26.55 -6.47
N ALA A 251 8.53 25.46 -6.57
CA ALA A 251 7.76 25.14 -7.76
C ALA A 251 6.31 25.60 -7.60
N LEU A 252 5.86 26.45 -8.51
CA LEU A 252 4.47 26.91 -8.50
C LEU A 252 3.56 25.89 -9.14
N LEU A 253 2.60 25.38 -8.37
CA LEU A 253 1.61 24.44 -8.88
C LEU A 253 0.25 25.10 -8.97
N ARG A 254 -0.50 24.75 -10.01
CA ARG A 254 -1.90 25.11 -10.14
C ARG A 254 -2.76 23.87 -10.02
N PHE A 255 -3.80 23.95 -9.20
CA PHE A 255 -4.76 22.86 -9.06
C PHE A 255 -5.93 23.13 -10.00
N VAL A 256 -6.06 22.28 -11.00
CA VAL A 256 -6.93 22.51 -12.16
C VAL A 256 -8.17 21.62 -12.15
N ASN A 257 -9.29 22.21 -12.55
CA ASN A 257 -10.56 21.48 -12.68
C ASN A 257 -10.85 21.19 -14.15
N PRO A 258 -10.70 19.92 -14.58
CA PRO A 258 -10.93 19.63 -16.00
C PRO A 258 -12.40 19.76 -16.42
N ASP A 259 -13.31 19.71 -15.46
CA ASP A 259 -14.74 19.83 -15.75
C ASP A 259 -15.16 21.23 -16.15
N THR A 260 -14.34 22.23 -15.81
CA THR A 260 -14.59 23.62 -16.20
C THR A 260 -13.45 24.23 -16.99
N GLY A 261 -12.28 23.61 -16.92
CA GLY A 261 -11.10 24.17 -17.58
C GLY A 261 -10.48 25.35 -16.83
N ARG A 262 -10.89 25.55 -15.58
CA ARG A 262 -10.37 26.66 -14.78
C ARG A 262 -9.52 26.17 -13.59
N VAL A 263 -8.57 27.00 -13.19
CA VAL A 263 -7.77 26.81 -11.99
C VAL A 263 -8.57 27.13 -10.73
N LEU A 264 -8.55 26.19 -9.79
CA LEU A 264 -9.21 26.36 -8.50
C LEU A 264 -8.32 27.18 -7.56
N PHE A 265 -7.07 26.79 -7.43
CA PHE A 265 -6.13 27.53 -6.60
C PHE A 265 -4.70 27.26 -7.05
N GLU A 266 -3.78 28.08 -6.57
CA GLU A 266 -2.35 27.86 -6.79
C GLU A 266 -1.63 27.68 -5.46
N CYS A 267 -0.51 26.98 -5.50
CA CYS A 267 0.23 26.68 -4.28
C CYS A 267 1.72 26.54 -4.55
N LYS A 268 2.50 26.56 -3.49
CA LYS A 268 3.96 26.45 -3.57
C LYS A 268 4.39 25.05 -3.17
N LEU A 269 5.10 24.36 -4.06
CA LEU A 269 5.79 23.12 -3.72
C LEU A 269 7.26 23.45 -3.48
N HIS A 270 7.65 23.47 -2.20
CA HIS A 270 9.00 23.84 -1.83
C HIS A 270 9.96 22.68 -2.15
N LYS A 271 11.18 23.02 -2.56
CA LYS A 271 12.09 22.00 -3.07
C LYS A 271 12.46 20.97 -2.00
N SER A 272 12.37 21.34 -0.73
CA SER A 272 12.70 20.40 0.33
C SER A 272 11.55 19.41 0.58
N GLY A 273 10.42 19.60 -0.10
CA GLY A 273 9.35 18.62 -0.13
C GLY A 273 8.15 18.88 0.75
N TYR A 274 7.50 20.02 0.56
CA TYR A 274 6.23 20.30 1.22
C TYR A 274 5.49 21.41 0.49
N VAL A 275 4.20 21.55 0.77
CA VAL A 275 3.34 22.49 0.05
C VAL A 275 2.74 23.56 0.97
N THR A 276 2.69 24.81 0.49
CA THR A 276 1.99 25.87 1.20
C THR A 276 0.95 26.55 0.33
N VAL A 277 -0.05 27.15 0.98
CA VAL A 277 -1.11 27.90 0.31
C VAL A 277 -1.38 29.19 1.07
N ALA A 278 -1.98 30.16 0.38
CA ALA A 278 -2.37 31.43 1.00
C ALA A 278 -3.77 31.30 1.60
N HIS A 279 -3.81 31.00 2.90
CA HIS A 279 -5.07 30.90 3.61
C HIS A 279 -4.83 31.01 5.11
N THR A 280 -5.80 31.55 5.83
CA THR A 280 -5.75 31.65 7.28
C THR A 280 -6.93 30.94 7.92
N GLY A 281 -6.65 29.96 8.77
CA GLY A 281 -7.66 29.23 9.48
C GLY A 281 -7.69 27.77 9.07
N GLN A 282 -8.42 26.96 9.83
CA GLN A 282 -8.58 25.54 9.51
C GLN A 282 -9.62 25.39 8.43
N HIS A 283 -9.30 24.63 7.39
CA HIS A 283 -10.21 24.49 6.26
C HIS A 283 -10.05 23.15 5.55
N ASP A 284 -11.15 22.41 5.45
CA ASP A 284 -11.21 21.23 4.60
C ASP A 284 -11.45 21.71 3.18
N LEU A 285 -10.49 21.49 2.29
CA LEU A 285 -10.67 21.93 0.92
C LEU A 285 -11.76 21.09 0.26
N VAL A 286 -12.58 21.75 -0.53
CA VAL A 286 -13.59 21.06 -1.32
C VAL A 286 -13.07 21.08 -2.75
N ILE A 287 -12.85 19.90 -3.31
CA ILE A 287 -12.23 19.80 -4.63
C ILE A 287 -13.04 18.86 -5.53
N PRO A 288 -12.98 19.09 -6.85
CA PRO A 288 -13.62 18.18 -7.80
C PRO A 288 -12.89 16.84 -7.87
N PRO A 289 -13.62 15.73 -8.04
CA PRO A 289 -12.98 14.40 -8.06
C PRO A 289 -11.91 14.26 -9.14
N ASN A 290 -12.08 14.96 -10.27
CA ASN A 290 -11.11 14.93 -11.36
C ASN A 290 -10.02 16.00 -11.28
N GLY A 291 -9.99 16.76 -10.18
CA GLY A 291 -9.00 17.81 -10.05
C GLY A 291 -7.59 17.26 -9.96
N TYR A 292 -6.61 17.99 -10.48
CA TYR A 292 -5.23 17.54 -10.42
C TYR A 292 -4.25 18.72 -10.30
N PHE A 293 -3.08 18.43 -9.73
CA PHE A 293 -1.97 19.38 -9.66
C PHE A 293 -1.17 19.42 -10.95
N ARG A 294 -0.76 20.62 -11.34
CA ARG A 294 0.03 20.82 -12.54
C ARG A 294 1.15 21.81 -12.26
N PHE A 295 2.39 21.40 -12.53
CA PHE A 295 3.52 22.31 -12.38
C PHE A 295 3.56 23.32 -13.52
N ASP A 296 3.58 24.61 -13.17
CA ASP A 296 3.57 25.66 -14.18
C ASP A 296 4.89 26.41 -14.29
N SER A 297 5.54 26.73 -13.18
CA SER A 297 6.81 27.45 -13.26
C SER A 297 7.61 27.45 -11.96
N TRP A 298 8.92 27.67 -12.10
CA TRP A 298 9.81 27.86 -10.97
C TRP A 298 9.74 29.32 -10.50
N VAL A 299 9.46 29.52 -9.21
CA VAL A 299 9.45 30.85 -8.61
C VAL A 299 10.35 30.82 -7.38
N ASN A 300 10.09 31.61 -6.36
CA ASN A 300 10.82 31.44 -5.10
C ASN A 300 10.01 31.80 -3.86
N GLN A 301 10.69 31.84 -2.72
CA GLN A 301 10.00 32.02 -1.44
C GLN A 301 9.32 33.38 -1.31
N PHE A 302 9.70 34.32 -2.15
CA PHE A 302 9.12 35.67 -2.10
C PHE A 302 7.84 35.83 -2.95
N TYR A 303 7.48 34.79 -3.70
CA TYR A 303 6.32 34.84 -4.58
C TYR A 303 5.03 34.93 -3.78
N THR A 304 4.15 35.86 -4.15
CA THR A 304 2.88 36.02 -3.47
C THR A 304 1.81 35.22 -4.18
N LEU A 305 1.23 34.25 -3.49
CA LEU A 305 0.15 33.45 -4.03
C LEU A 305 -1.17 34.21 -4.05
N ALA A 306 -1.99 33.94 -5.05
CA ALA A 306 -3.40 34.32 -4.99
C ALA A 306 -4.04 33.59 -3.82
N PRO A 307 -4.87 34.31 -3.02
CA PRO A 307 -5.57 33.64 -1.91
C PRO A 307 -6.31 32.38 -2.35
N MET A 308 -6.27 31.36 -1.50
CA MET A 308 -6.82 30.05 -1.85
C MET A 308 -8.32 30.13 -2.03
N GLY B 1 3.50 9.91 -34.64
CA GLY B 1 3.06 10.90 -33.68
C GLY B 1 2.46 10.29 -32.45
N SER B 2 3.11 9.26 -31.93
CA SER B 2 2.65 8.57 -30.73
C SER B 2 3.49 9.00 -29.54
N LYS B 3 2.83 9.24 -28.41
CA LYS B 3 3.54 9.52 -27.17
C LYS B 3 4.47 8.35 -26.83
N PRO B 4 5.75 8.63 -26.51
CA PRO B 4 6.70 7.55 -26.28
C PRO B 4 6.37 6.68 -25.07
N PHE B 5 6.39 5.37 -25.26
CA PHE B 5 6.09 4.42 -24.20
C PHE B 5 7.28 4.25 -23.25
N THR B 6 7.00 4.11 -21.97
CA THR B 6 8.03 3.86 -20.95
C THR B 6 7.48 2.96 -19.87
N VAL B 7 8.39 2.27 -19.16
CA VAL B 7 8.05 1.63 -17.89
C VAL B 7 8.85 2.31 -16.77
N PRO B 8 8.36 2.22 -15.52
CA PRO B 8 9.08 2.78 -14.36
C PRO B 8 10.49 2.22 -14.21
N ILE B 9 11.40 3.01 -13.62
CA ILE B 9 12.75 2.53 -13.38
C ILE B 9 12.94 2.01 -11.95
N LEU B 10 11.84 1.94 -11.20
CA LEU B 10 11.88 1.29 -9.89
C LEU B 10 12.35 -0.14 -10.06
N THR B 11 13.16 -0.61 -9.13
CA THR B 11 13.60 -2.00 -9.12
C THR B 11 12.45 -2.88 -8.63
N VAL B 12 12.59 -4.18 -8.81
CA VAL B 12 11.56 -5.12 -8.40
C VAL B 12 11.25 -4.97 -6.92
N GLU B 13 12.29 -4.92 -6.09
CA GLU B 13 12.10 -4.88 -4.65
C GLU B 13 11.64 -3.49 -4.17
N GLU B 14 11.62 -2.51 -5.08
CA GLU B 14 11.06 -1.19 -4.79
C GLU B 14 9.59 -1.07 -5.17
N MET B 15 8.98 -2.17 -5.62
CA MET B 15 7.60 -2.12 -6.10
C MET B 15 6.64 -3.03 -5.30
N THR B 16 5.36 -2.94 -5.64
CA THR B 16 4.28 -3.53 -4.86
C THR B 16 3.48 -4.53 -5.68
N ASN B 17 3.10 -5.65 -5.06
CA ASN B 17 2.21 -6.61 -5.69
C ASN B 17 0.88 -5.95 -6.00
N SER B 18 0.29 -6.27 -7.16
CA SER B 18 -0.99 -5.69 -7.57
C SER B 18 -2.19 -6.57 -7.17
N ARG B 19 -1.93 -7.70 -6.53
CA ARG B 19 -2.99 -8.65 -6.14
C ARG B 19 -3.15 -8.80 -4.61
N PHE B 20 -2.26 -8.17 -3.84
CA PHE B 20 -2.33 -8.18 -2.38
C PHE B 20 -1.41 -7.05 -1.91
N PRO B 21 -1.75 -6.36 -0.81
CA PRO B 21 -0.97 -5.17 -0.44
C PRO B 21 0.34 -5.52 0.29
N ILE B 22 1.28 -6.07 -0.49
CA ILE B 22 2.60 -6.45 0.02
C ILE B 22 3.66 -6.18 -1.04
N PRO B 23 4.92 -6.00 -0.59
CA PRO B 23 5.99 -5.71 -1.57
C PRO B 23 6.29 -6.88 -2.49
N LEU B 24 6.80 -6.58 -3.67
CA LEU B 24 7.38 -7.61 -4.52
C LEU B 24 8.70 -8.10 -3.92
N GLU B 25 8.98 -9.37 -4.13
CA GLU B 25 10.19 -10.00 -3.62
C GLU B 25 11.10 -10.47 -4.73
N LYS B 26 10.51 -10.95 -5.83
CA LYS B 26 11.31 -11.59 -6.87
C LYS B 26 10.52 -11.77 -8.15
N LEU B 27 11.25 -12.16 -9.18
CA LEU B 27 10.66 -12.55 -10.45
C LEU B 27 10.65 -14.07 -10.51
N PHE B 28 9.58 -14.63 -11.05
CA PHE B 28 9.44 -16.09 -11.18
C PHE B 28 8.83 -16.42 -12.53
N THR B 29 9.31 -17.50 -13.14
CA THR B 29 8.68 -18.02 -14.35
C THR B 29 8.42 -19.50 -14.19
N GLY B 30 7.30 -19.94 -14.75
CA GLY B 30 6.98 -21.36 -14.75
C GLY B 30 5.93 -21.64 -15.79
N PRO B 31 5.74 -22.93 -16.13
CA PRO B 31 4.70 -23.30 -17.10
C PRO B 31 3.30 -23.09 -16.54
N SER B 32 2.36 -22.72 -17.39
CA SER B 32 0.97 -22.54 -16.97
C SER B 32 -0.01 -22.98 -18.05
N GLY B 33 0.44 -23.90 -18.91
CA GLY B 33 -0.39 -24.45 -19.96
C GLY B 33 -1.54 -25.31 -19.45
N ALA B 34 -1.34 -25.91 -18.28
CA ALA B 34 -2.30 -26.86 -17.73
C ALA B 34 -3.54 -26.20 -17.14
N PHE B 35 -3.48 -24.89 -16.91
CA PHE B 35 -4.56 -24.18 -16.23
C PHE B 35 -4.73 -22.76 -16.74
N VAL B 36 -5.85 -22.15 -16.37
CA VAL B 36 -6.18 -20.81 -16.84
C VAL B 36 -5.64 -19.74 -15.89
N VAL B 37 -4.88 -18.81 -16.45
CA VAL B 37 -4.33 -17.68 -15.70
C VAL B 37 -5.17 -16.47 -16.00
N GLN B 38 -6.04 -16.08 -15.05
CA GLN B 38 -7.01 -15.03 -15.31
C GLN B 38 -7.23 -14.13 -14.08
N PRO B 39 -6.15 -13.60 -13.52
CA PRO B 39 -6.34 -12.69 -12.37
C PRO B 39 -7.10 -11.44 -12.77
N GLN B 40 -7.78 -10.82 -11.82
CA GLN B 40 -8.62 -9.66 -12.10
C GLN B 40 -8.07 -8.38 -11.49
N ASN B 41 -7.19 -8.53 -10.50
CA ASN B 41 -6.44 -7.39 -9.98
C ASN B 41 -5.07 -7.33 -10.66
N GLY B 42 -4.52 -6.13 -10.79
CA GLY B 42 -3.27 -5.96 -11.49
C GLY B 42 -3.41 -6.16 -12.99
N ARG B 43 -4.55 -5.72 -13.53
CA ARG B 43 -4.84 -5.84 -14.95
C ARG B 43 -5.02 -4.46 -15.57
N CYS B 44 -4.17 -4.17 -16.55
CA CYS B 44 -4.10 -2.86 -17.17
C CYS B 44 -3.39 -2.99 -18.51
N THR B 45 -3.92 -2.36 -19.55
CA THR B 45 -3.26 -2.33 -20.84
C THR B 45 -2.08 -1.38 -20.78
N THR B 46 -1.14 -1.52 -21.70
CA THR B 46 0.01 -0.66 -21.68
C THR B 46 -0.37 0.78 -21.98
N ASP B 47 -1.53 0.99 -22.62
CA ASP B 47 -1.97 2.36 -22.90
C ASP B 47 -2.95 2.89 -21.84
N GLY B 48 -3.04 2.19 -20.72
CA GLY B 48 -3.62 2.74 -19.51
C GLY B 48 -5.08 2.45 -19.21
N VAL B 49 -5.62 1.39 -19.82
CA VAL B 49 -7.00 1.00 -19.56
C VAL B 49 -7.05 -0.06 -18.48
N LEU B 50 -7.66 0.27 -17.35
CA LEU B 50 -7.83 -0.67 -16.26
C LEU B 50 -8.85 -1.72 -16.61
N LEU B 51 -8.57 -2.97 -16.21
CA LEU B 51 -9.43 -4.11 -16.51
C LEU B 51 -9.81 -4.87 -15.26
N GLY B 52 -10.80 -5.75 -15.38
CA GLY B 52 -11.23 -6.58 -14.27
C GLY B 52 -11.74 -5.77 -13.10
N THR B 53 -11.20 -6.06 -11.92
CA THR B 53 -11.52 -5.33 -10.70
C THR B 53 -10.39 -4.38 -10.30
N THR B 54 -9.52 -4.08 -11.25
CA THR B 54 -8.32 -3.30 -10.95
C THR B 54 -8.63 -1.84 -10.67
N GLN B 55 -8.06 -1.35 -9.57
CA GLN B 55 -8.12 0.06 -9.23
C GLN B 55 -6.70 0.54 -8.89
N LEU B 56 -6.54 1.81 -8.59
CA LEU B 56 -5.20 2.42 -8.60
C LEU B 56 -4.44 2.35 -7.29
N SER B 57 -5.13 2.11 -6.18
CA SER B 57 -4.49 2.16 -4.86
C SER B 57 -3.86 0.82 -4.44
N PRO B 58 -2.57 0.83 -4.08
CA PRO B 58 -1.97 -0.42 -3.60
C PRO B 58 -2.57 -0.90 -2.28
N VAL B 59 -3.08 0.01 -1.46
CA VAL B 59 -3.55 -0.40 -0.14
C VAL B 59 -5.02 -0.81 -0.12
N ASN B 60 -5.75 -0.55 -1.21
CA ASN B 60 -7.17 -0.94 -1.33
C ASN B 60 -7.34 -2.38 -1.83
N ILE B 61 -6.26 -3.00 -2.27
CA ILE B 61 -6.34 -4.36 -2.79
C ILE B 61 -6.73 -5.35 -1.69
N CYS B 62 -7.78 -6.12 -1.96
CA CYS B 62 -8.37 -7.09 -1.02
C CYS B 62 -9.00 -6.45 0.22
N THR B 63 -9.35 -5.18 0.15
CA THR B 63 -10.18 -4.55 1.18
C THR B 63 -11.66 -4.67 0.86
N PHE B 64 -12.48 -4.47 1.89
CA PHE B 64 -13.94 -4.33 1.75
C PHE B 64 -14.39 -3.20 2.64
N ARG B 65 -15.49 -2.54 2.23
CA ARG B 65 -16.10 -1.46 2.99
C ARG B 65 -17.62 -1.61 2.99
N GLY B 66 -18.27 -1.20 4.07
CA GLY B 66 -19.72 -1.28 4.14
C GLY B 66 -20.23 -1.17 5.56
N ASP B 67 -21.34 -1.83 5.84
CA ASP B 67 -21.81 -1.96 7.21
C ASP B 67 -22.18 -3.41 7.45
N VAL B 68 -22.26 -3.81 8.70
CA VAL B 68 -22.37 -5.22 9.05
C VAL B 68 -23.59 -5.54 9.89
N THR B 69 -24.00 -6.81 9.80
CA THR B 69 -25.12 -7.36 10.56
C THR B 69 -24.70 -8.69 11.15
N HIS B 70 -25.00 -8.89 12.43
CA HIS B 70 -24.58 -10.09 13.12
C HIS B 70 -25.46 -11.27 12.75
N ILE B 71 -24.84 -12.45 12.70
CA ILE B 71 -25.55 -13.71 12.48
C ILE B 71 -25.67 -14.43 13.82
N ALA B 72 -26.89 -14.51 14.34
CA ALA B 72 -27.14 -15.06 15.66
C ALA B 72 -26.62 -16.49 15.79
N GLY B 73 -26.09 -16.80 16.97
CA GLY B 73 -25.57 -18.12 17.26
C GLY B 73 -24.14 -18.32 16.76
N SER B 74 -23.48 -17.24 16.38
CA SER B 74 -22.15 -17.32 15.79
C SER B 74 -21.34 -16.06 16.03
N ARG B 75 -20.09 -16.07 15.55
CA ARG B 75 -19.25 -14.88 15.54
C ARG B 75 -19.11 -14.37 14.11
N ASN B 76 -20.11 -14.69 13.28
CA ASN B 76 -20.13 -14.28 11.88
C ASN B 76 -20.94 -13.01 11.65
N TYR B 77 -20.47 -12.20 10.71
CA TYR B 77 -21.16 -10.97 10.32
C TYR B 77 -21.29 -10.91 8.81
N THR B 78 -22.45 -10.45 8.35
CA THR B 78 -22.64 -10.16 6.93
C THR B 78 -22.31 -8.70 6.68
N MET B 79 -21.46 -8.42 5.70
CA MET B 79 -21.19 -7.04 5.30
C MET B 79 -21.95 -6.72 4.04
N ASN B 80 -22.80 -5.70 4.15
CA ASN B 80 -23.44 -5.12 2.99
C ASN B 80 -22.51 -4.07 2.41
N LEU B 81 -21.99 -4.35 1.22
CA LEU B 81 -20.89 -3.58 0.67
C LEU B 81 -21.29 -2.18 0.19
N ALA B 82 -20.36 -1.26 0.45
CA ALA B 82 -20.37 0.05 -0.17
C ALA B 82 -19.36 0.06 -1.30
N SER B 83 -19.38 1.12 -2.10
CA SER B 83 -18.40 1.27 -3.17
C SER B 83 -17.04 1.59 -2.58
N LEU B 84 -16.05 1.61 -3.46
CA LEU B 84 -14.66 1.87 -3.07
C LEU B 84 -14.56 3.20 -2.32
N ASN B 85 -15.46 4.14 -2.65
CA ASN B 85 -15.47 5.46 -2.04
C ASN B 85 -16.61 5.67 -1.02
N TRP B 86 -17.13 4.57 -0.49
CA TRP B 86 -18.13 4.58 0.59
C TRP B 86 -19.53 5.06 0.18
N ASN B 87 -19.78 5.12 -1.13
CA ASN B 87 -21.13 5.42 -1.61
C ASN B 87 -21.92 4.14 -1.84
N ASN B 88 -23.17 4.30 -2.27
CA ASN B 88 -24.02 3.16 -2.61
C ASN B 88 -23.36 2.29 -3.66
N TYR B 89 -23.37 0.99 -3.45
CA TYR B 89 -22.78 0.06 -4.42
C TYR B 89 -23.80 -0.29 -5.51
N ASP B 90 -23.35 -0.22 -6.76
CA ASP B 90 -24.20 -0.48 -7.92
C ASP B 90 -23.85 -1.81 -8.59
N PRO B 91 -24.67 -2.86 -8.36
CA PRO B 91 -24.35 -4.17 -8.92
C PRO B 91 -24.38 -4.25 -10.44
N THR B 92 -24.85 -3.20 -11.11
CA THR B 92 -24.99 -3.25 -12.56
C THR B 92 -23.81 -2.62 -13.31
N GLU B 93 -22.83 -2.08 -12.58
CA GLU B 93 -21.61 -1.59 -13.22
C GLU B 93 -20.95 -2.75 -13.95
N GLU B 94 -20.34 -2.44 -15.09
CA GLU B 94 -19.75 -3.49 -15.94
C GLU B 94 -18.38 -3.92 -15.44
N ILE B 95 -18.37 -4.47 -14.24
CA ILE B 95 -17.17 -5.02 -13.62
C ILE B 95 -17.54 -6.36 -13.00
N PRO B 96 -16.55 -7.24 -12.75
CA PRO B 96 -16.87 -8.54 -12.17
C PRO B 96 -17.37 -8.47 -10.72
N ALA B 97 -16.96 -7.42 -10.02
CA ALA B 97 -17.18 -7.30 -8.59
C ALA B 97 -16.68 -5.92 -8.20
N PRO B 98 -16.95 -5.47 -6.96
CA PRO B 98 -16.40 -4.18 -6.54
C PRO B 98 -14.90 -4.11 -6.76
N LEU B 99 -14.40 -2.93 -7.13
CA LEU B 99 -12.97 -2.76 -7.37
C LEU B 99 -12.17 -3.14 -6.14
N GLY B 100 -11.08 -3.86 -6.36
CA GLY B 100 -10.20 -4.28 -5.29
C GLY B 100 -10.58 -5.59 -4.63
N THR B 101 -11.75 -6.14 -4.97
CA THR B 101 -12.21 -7.43 -4.45
C THR B 101 -11.12 -8.49 -4.68
N PRO B 102 -10.91 -9.40 -3.71
CA PRO B 102 -9.94 -10.48 -3.94
C PRO B 102 -10.25 -11.26 -5.21
N ASP B 103 -9.21 -11.67 -5.95
CA ASP B 103 -9.39 -12.39 -7.21
C ASP B 103 -8.89 -13.83 -7.10
N PHE B 104 -8.84 -14.36 -5.90
CA PHE B 104 -8.47 -15.76 -5.71
C PHE B 104 -9.25 -16.40 -4.59
N VAL B 105 -9.35 -17.73 -4.65
CA VAL B 105 -9.99 -18.51 -3.61
C VAL B 105 -9.02 -18.74 -2.46
N GLY B 106 -9.39 -18.26 -1.29
CA GLY B 106 -8.56 -18.39 -0.12
C GLY B 106 -9.26 -17.85 1.11
N LYS B 107 -8.67 -18.12 2.26
CA LYS B 107 -9.16 -17.61 3.53
C LYS B 107 -8.26 -16.46 3.94
N ILE B 108 -8.77 -15.25 3.76
CA ILE B 108 -7.98 -14.04 3.97
C ILE B 108 -8.31 -13.45 5.32
N GLN B 109 -7.28 -13.34 6.16
CA GLN B 109 -7.45 -12.85 7.52
C GLN B 109 -6.87 -11.45 7.65
N GLY B 110 -7.52 -10.65 8.48
CA GLY B 110 -7.11 -9.28 8.75
C GLY B 110 -7.87 -8.73 9.93
N LEU B 111 -8.13 -7.42 9.91
CA LEU B 111 -8.95 -6.81 10.95
C LEU B 111 -10.16 -6.14 10.34
N LEU B 112 -11.28 -6.32 11.02
CA LEU B 112 -12.51 -5.59 10.77
C LEU B 112 -12.58 -4.45 11.78
N THR B 113 -12.65 -3.21 11.28
CA THR B 113 -12.66 -2.02 12.13
C THR B 113 -13.90 -1.16 11.86
N GLN B 114 -14.30 -0.39 12.86
CA GLN B 114 -15.55 0.36 12.75
C GLN B 114 -15.50 1.61 13.60
N THR B 115 -16.11 2.68 13.10
CA THR B 115 -16.27 3.92 13.84
C THR B 115 -17.74 4.29 13.90
N THR B 116 -18.20 4.65 15.10
CA THR B 116 -19.55 5.14 15.30
C THR B 116 -19.55 6.64 15.06
N LYS B 117 -20.36 7.11 14.11
CA LYS B 117 -20.29 8.51 13.70
C LYS B 117 -20.57 9.49 14.84
N GLY B 118 -21.57 9.18 15.65
CA GLY B 118 -22.04 10.11 16.66
C GLY B 118 -21.03 10.56 17.69
N ASP B 119 -20.26 9.62 18.25
CA ASP B 119 -19.31 9.95 19.32
C ASP B 119 -17.85 9.60 18.98
N GLY B 120 -17.62 9.03 17.79
CA GLY B 120 -16.27 8.69 17.38
C GLY B 120 -15.68 7.51 18.13
N SER B 121 -16.54 6.72 18.76
CA SER B 121 -16.09 5.47 19.38
C SER B 121 -15.70 4.48 18.30
N THR B 122 -14.72 3.62 18.61
CA THR B 122 -14.19 2.70 17.62
C THR B 122 -14.00 1.30 18.18
N ARG B 123 -13.92 0.32 17.28
CA ARG B 123 -13.71 -1.06 17.66
C ARG B 123 -13.08 -1.81 16.50
N GLY B 124 -12.29 -2.84 16.83
CA GLY B 124 -11.58 -3.62 15.84
C GLY B 124 -11.42 -5.05 16.29
N HIS B 125 -11.65 -5.98 15.38
CA HIS B 125 -11.58 -7.41 15.69
C HIS B 125 -10.95 -8.20 14.55
N LYS B 126 -10.24 -9.26 14.90
CA LYS B 126 -9.68 -10.15 13.91
C LYS B 126 -10.82 -10.79 13.13
N ALA B 127 -10.64 -10.91 11.83
CA ALA B 127 -11.70 -11.39 10.97
C ALA B 127 -11.14 -12.09 9.76
N THR B 128 -11.89 -13.06 9.25
CA THR B 128 -11.47 -13.84 8.09
C THR B 128 -12.62 -13.91 7.09
N VAL B 129 -12.32 -13.73 5.81
CA VAL B 129 -13.30 -13.95 4.76
C VAL B 129 -12.85 -15.13 3.90
N TYR B 130 -13.77 -16.07 3.71
CA TYR B 130 -13.50 -17.21 2.83
CA TYR B 130 -13.54 -17.24 2.84
C TYR B 130 -14.07 -16.93 1.45
N THR B 131 -13.19 -16.64 0.50
CA THR B 131 -13.65 -16.20 -0.81
C THR B 131 -14.21 -17.33 -1.67
N GLY B 132 -14.05 -18.56 -1.20
CA GLY B 132 -14.62 -19.73 -1.87
C GLY B 132 -15.96 -20.17 -1.29
N SER B 133 -16.41 -19.47 -0.25
CA SER B 133 -17.61 -19.86 0.48
C SER B 133 -18.90 -19.43 -0.22
N ALA B 134 -20.00 -20.12 0.08
CA ALA B 134 -21.27 -19.82 -0.57
C ALA B 134 -21.75 -18.39 -0.32
N PRO B 135 -21.54 -17.85 0.90
CA PRO B 135 -21.95 -16.45 1.12
C PRO B 135 -21.02 -15.39 0.53
N PHE B 136 -19.96 -15.79 -0.18
CA PHE B 136 -19.10 -14.81 -0.85
C PHE B 136 -19.74 -14.38 -2.15
N THR B 137 -20.50 -13.29 -2.10
CA THR B 137 -21.24 -12.80 -3.25
C THR B 137 -21.04 -11.29 -3.44
N PRO B 138 -19.77 -10.86 -3.54
CA PRO B 138 -19.46 -9.43 -3.60
C PRO B 138 -20.14 -8.70 -4.77
N LYS B 139 -20.26 -9.35 -5.92
CA LYS B 139 -20.93 -8.75 -7.06
C LYS B 139 -22.38 -8.39 -6.71
N LEU B 140 -23.01 -9.22 -5.89
CA LEU B 140 -24.39 -8.98 -5.47
C LEU B 140 -24.47 -8.01 -4.28
N GLY B 141 -23.32 -7.63 -3.75
CA GLY B 141 -23.26 -6.61 -2.71
C GLY B 141 -23.12 -7.11 -1.28
N SER B 142 -22.76 -8.37 -1.09
CA SER B 142 -22.54 -8.85 0.27
C SER B 142 -21.52 -9.99 0.38
N VAL B 143 -20.79 -9.98 1.49
CA VAL B 143 -19.87 -11.05 1.86
C VAL B 143 -20.01 -11.31 3.34
N GLN B 144 -19.47 -12.45 3.78
CA GLN B 144 -19.51 -12.85 5.18
C GLN B 144 -18.12 -12.89 5.79
N PHE B 145 -18.01 -12.46 7.04
CA PHE B 145 -16.78 -12.53 7.81
C PHE B 145 -16.98 -13.37 9.06
N SER B 146 -15.98 -14.19 9.38
CA SER B 146 -15.89 -14.84 10.67
C SER B 146 -14.99 -13.99 11.55
N THR B 147 -15.42 -13.70 12.77
CA THR B 147 -14.68 -12.78 13.65
C THR B 147 -14.50 -13.38 15.04
N ASP B 148 -13.87 -12.60 15.93
CA ASP B 148 -13.61 -13.06 17.29
C ASP B 148 -14.60 -12.46 18.29
N THR B 149 -15.73 -11.96 17.79
CA THR B 149 -16.77 -11.39 18.65
C THR B 149 -18.18 -11.77 18.19
N GLU B 150 -19.09 -11.87 19.16
CA GLU B 150 -20.50 -12.12 18.85
C GLU B 150 -21.43 -10.92 19.10
N ASN B 151 -20.89 -9.82 19.65
CA ASN B 151 -21.76 -8.69 19.98
C ASN B 151 -21.15 -7.28 19.89
N ASP B 152 -19.85 -7.15 19.66
CA ASP B 152 -19.25 -5.82 19.78
C ASP B 152 -19.59 -4.86 18.62
N PHE B 153 -19.71 -5.36 17.39
CA PHE B 153 -19.96 -4.49 16.25
C PHE B 153 -21.38 -3.92 16.27
N GLU B 154 -21.48 -2.65 15.88
CA GLU B 154 -22.77 -1.99 15.72
C GLU B 154 -23.29 -2.11 14.30
N THR B 155 -24.60 -2.02 14.14
CA THR B 155 -25.21 -1.95 12.81
C THR B 155 -25.19 -0.53 12.26
N HIS B 156 -25.19 -0.42 10.94
CA HIS B 156 -25.36 0.84 10.24
C HIS B 156 -24.32 1.89 10.59
N GLN B 157 -23.08 1.42 10.75
CA GLN B 157 -21.92 2.27 10.93
C GLN B 157 -20.82 1.79 10.00
N ASN B 158 -20.07 2.72 9.42
CA ASN B 158 -19.03 2.38 8.46
C ASN B 158 -18.02 1.39 9.04
N THR B 159 -17.79 0.33 8.28
CA THR B 159 -16.98 -0.80 8.71
C THR B 159 -16.01 -1.14 7.59
N LYS B 160 -14.75 -1.33 7.94
CA LYS B 160 -13.71 -1.63 6.95
CA LYS B 160 -13.68 -1.61 6.97
C LYS B 160 -12.99 -2.94 7.25
N PHE B 161 -12.70 -3.69 6.19
CA PHE B 161 -11.83 -4.86 6.29
C PHE B 161 -10.47 -4.52 5.71
N THR B 162 -9.43 -4.68 6.52
CA THR B 162 -8.04 -4.52 6.10
C THR B 162 -7.38 -5.90 6.08
N PRO B 163 -6.92 -6.36 4.90
CA PRO B 163 -6.29 -7.68 4.83
C PRO B 163 -4.86 -7.71 5.37
N VAL B 164 -4.45 -8.84 5.94
CA VAL B 164 -3.06 -9.02 6.38
C VAL B 164 -2.41 -10.25 5.74
N GLY B 165 -3.12 -11.37 5.75
CA GLY B 165 -2.55 -12.60 5.23
C GLY B 165 -3.57 -13.69 5.02
N VAL B 166 -3.10 -14.93 4.97
CA VAL B 166 -3.96 -16.07 4.62
C VAL B 166 -3.79 -17.22 5.60
N ILE B 167 -4.81 -18.08 5.67
CA ILE B 167 -4.78 -19.25 6.54
C ILE B 167 -5.11 -20.53 5.78
N GLN B 168 -4.82 -21.65 6.43
CA GLN B 168 -5.08 -22.97 5.89
C GLN B 168 -5.53 -23.90 7.03
N ASP B 169 -6.35 -24.89 6.69
CA ASP B 169 -6.81 -25.89 7.64
C ASP B 169 -5.72 -26.94 7.81
N GLY B 170 -5.07 -26.93 8.98
CA GLY B 170 -3.92 -27.77 9.24
C GLY B 170 -4.22 -29.26 9.39
N SER B 171 -5.50 -29.63 9.29
CA SER B 171 -5.88 -31.05 9.33
C SER B 171 -5.91 -31.65 7.92
N THR B 172 -5.64 -30.81 6.93
CA THR B 172 -5.67 -31.22 5.53
C THR B 172 -4.30 -31.02 4.91
N THR B 173 -4.15 -31.51 3.68
CA THR B 173 -2.88 -31.49 2.97
C THR B 173 -2.25 -30.10 3.02
N HIS B 174 -0.99 -30.04 3.41
CA HIS B 174 -0.31 -28.75 3.56
C HIS B 174 -0.24 -28.04 2.23
N ARG B 175 -0.42 -26.72 2.30
CA ARG B 175 -0.30 -25.83 1.15
C ARG B 175 -1.30 -26.13 0.05
N ASN B 176 -2.45 -26.70 0.43
CA ASN B 176 -3.55 -26.97 -0.51
C ASN B 176 -4.45 -25.74 -0.72
N GLU B 177 -4.23 -24.69 0.07
CA GLU B 177 -4.93 -23.43 -0.07
C GLU B 177 -4.06 -22.30 0.50
N PRO B 178 -4.26 -21.05 0.04
CA PRO B 178 -5.13 -20.56 -1.02
C PRO B 178 -4.79 -21.16 -2.38
N GLN B 179 -5.69 -20.95 -3.34
CA GLN B 179 -5.45 -21.35 -4.72
C GLN B 179 -5.50 -20.09 -5.57
N GLN B 180 -4.31 -19.51 -5.81
CA GLN B 180 -4.23 -18.16 -6.35
C GLN B 180 -4.74 -18.04 -7.78
N TRP B 181 -4.88 -19.16 -8.48
CA TRP B 181 -5.32 -19.11 -9.88
C TRP B 181 -6.77 -19.54 -10.06
N VAL B 182 -7.50 -19.77 -8.96
CA VAL B 182 -8.92 -20.06 -9.01
C VAL B 182 -9.69 -18.80 -8.67
N LEU B 183 -10.49 -18.32 -9.62
CA LEU B 183 -11.34 -17.15 -9.35
C LEU B 183 -12.48 -17.49 -8.41
N PRO B 184 -12.82 -16.56 -7.50
CA PRO B 184 -14.07 -16.74 -6.76
C PRO B 184 -15.27 -16.72 -7.69
N SER B 185 -16.38 -17.25 -7.24
CA SER B 185 -17.68 -17.03 -7.87
C SER B 185 -18.26 -15.74 -7.30
N TYR B 186 -18.06 -14.63 -8.01
CA TYR B 186 -18.35 -13.31 -7.45
C TYR B 186 -19.85 -13.12 -7.15
N SER B 187 -20.71 -13.84 -7.86
CA SER B 187 -22.15 -13.76 -7.64
C SER B 187 -22.71 -15.03 -6.99
N GLY B 188 -21.81 -15.85 -6.42
CA GLY B 188 -22.22 -17.11 -5.84
C GLY B 188 -22.06 -18.26 -6.81
N ARG B 189 -22.12 -19.48 -6.29
CA ARG B 189 -21.70 -20.67 -7.01
C ARG B 189 -22.51 -21.02 -8.26
N ASN B 190 -23.80 -20.67 -8.29
CA ASN B 190 -24.64 -21.00 -9.45
C ASN B 190 -24.69 -19.92 -10.54
N VAL B 191 -23.93 -18.86 -10.37
CA VAL B 191 -23.93 -17.75 -11.31
C VAL B 191 -22.54 -17.57 -11.89
N HIS B 192 -22.46 -17.43 -13.22
CA HIS B 192 -21.18 -17.23 -13.88
C HIS B 192 -20.64 -15.82 -13.68
N ASN B 193 -19.32 -15.69 -13.65
CA ASN B 193 -18.68 -14.38 -13.55
C ASN B 193 -18.84 -13.61 -14.86
N VAL B 194 -18.81 -12.28 -14.77
CA VAL B 194 -18.99 -11.43 -15.93
C VAL B 194 -17.93 -10.34 -15.98
N HIS B 195 -17.75 -9.77 -17.16
CA HIS B 195 -16.90 -8.59 -17.36
C HIS B 195 -15.45 -8.83 -16.94
N LEU B 196 -15.00 -10.07 -17.07
CA LEU B 196 -13.66 -10.44 -16.65
C LEU B 196 -12.59 -9.89 -17.57
N ALA B 197 -11.45 -9.54 -16.99
CA ALA B 197 -10.23 -9.38 -17.75
C ALA B 197 -9.90 -10.75 -18.33
N PRO B 198 -9.38 -10.80 -19.57
CA PRO B 198 -9.18 -12.10 -20.22
C PRO B 198 -8.07 -12.95 -19.63
N ALA B 199 -8.17 -14.26 -19.87
CA ALA B 199 -7.10 -15.19 -19.53
C ALA B 199 -5.89 -14.90 -20.40
N VAL B 200 -4.70 -15.16 -19.86
CA VAL B 200 -3.46 -14.89 -20.56
C VAL B 200 -2.60 -16.13 -20.65
N ALA B 201 -1.85 -16.24 -21.74
CA ALA B 201 -0.93 -17.36 -21.92
C ALA B 201 0.11 -16.98 -22.97
N PRO B 202 1.32 -17.54 -22.85
CA PRO B 202 2.26 -17.35 -23.95
C PRO B 202 1.77 -18.14 -25.16
N THR B 203 1.99 -17.63 -26.37
CA THR B 203 1.62 -18.39 -27.56
C THR B 203 2.87 -18.92 -28.26
N PHE B 204 4.00 -18.34 -27.92
CA PHE B 204 5.26 -18.62 -28.59
C PHE B 204 5.89 -19.88 -27.99
N PRO B 205 6.38 -20.80 -28.84
CA PRO B 205 6.98 -22.02 -28.30
C PRO B 205 8.20 -21.73 -27.44
N GLY B 206 8.28 -22.34 -26.27
CA GLY B 206 9.44 -22.15 -25.43
C GLY B 206 9.32 -20.91 -24.56
N GLU B 207 8.20 -20.21 -24.63
CA GLU B 207 7.97 -19.06 -23.75
C GLU B 207 7.05 -19.39 -22.59
N GLN B 208 7.26 -18.66 -21.50
CA GLN B 208 6.44 -18.77 -20.30
C GLN B 208 6.09 -17.36 -19.84
N LEU B 209 5.05 -17.25 -19.03
CA LEU B 209 4.76 -15.99 -18.35
C LEU B 209 5.89 -15.67 -17.38
N LEU B 210 6.16 -14.38 -17.23
CA LEU B 210 7.06 -13.89 -16.19
C LEU B 210 6.20 -13.24 -15.12
N PHE B 211 6.31 -13.76 -13.90
CA PHE B 211 5.49 -13.31 -12.80
C PHE B 211 6.26 -12.42 -11.84
N PHE B 212 5.56 -11.44 -11.29
CA PHE B 212 6.07 -10.61 -10.22
C PHE B 212 5.54 -11.20 -8.89
N ARG B 213 6.45 -11.76 -8.10
CA ARG B 213 6.09 -12.66 -7.01
C ARG B 213 6.33 -12.07 -5.62
N SER B 214 5.37 -12.34 -4.73
CA SER B 214 5.47 -12.01 -3.32
C SER B 214 5.13 -13.23 -2.47
N THR B 215 5.43 -13.15 -1.19
CA THR B 215 4.99 -14.16 -0.22
C THR B 215 3.99 -13.49 0.73
N MET B 216 2.75 -13.96 0.71
CA MET B 216 1.74 -13.46 1.63
C MET B 216 2.03 -13.92 3.04
N PRO B 217 1.81 -13.03 4.04
CA PRO B 217 1.88 -13.51 5.41
C PRO B 217 0.90 -14.64 5.66
N GLY B 218 1.30 -15.61 6.50
CA GLY B 218 0.41 -16.68 6.94
C GLY B 218 -0.01 -16.44 8.38
N CYS B 219 -1.29 -16.67 8.66
CA CYS B 219 -1.86 -16.36 9.98
C CYS B 219 -2.32 -17.60 10.75
N SER B 220 -2.31 -18.75 10.09
CA SER B 220 -2.67 -20.03 10.72
C SER B 220 -2.51 -21.18 9.75
N GLY B 221 -2.14 -22.34 10.26
CA GLY B 221 -2.02 -23.53 9.44
C GLY B 221 -0.80 -23.50 8.52
N TYR B 222 -0.93 -24.18 7.39
CA TYR B 222 0.17 -24.37 6.44
C TYR B 222 -0.23 -23.88 5.06
N PRO B 223 -0.45 -22.57 4.91
CA PRO B 223 -0.94 -22.06 3.63
C PRO B 223 0.10 -22.02 2.51
N ASN B 224 -0.38 -22.06 1.27
CA ASN B 224 0.44 -21.70 0.13
C ASN B 224 0.48 -20.18 0.03
N MET B 225 1.63 -19.60 0.36
CA MET B 225 1.76 -18.15 0.47
C MET B 225 2.31 -17.48 -0.80
N ASP B 226 2.61 -18.27 -1.84
CA ASP B 226 3.03 -17.68 -3.11
C ASP B 226 1.93 -16.83 -3.74
N LEU B 227 2.30 -15.65 -4.24
CA LEU B 227 1.35 -14.80 -4.95
C LEU B 227 2.01 -14.09 -6.11
N ASP B 228 1.54 -14.42 -7.29
CA ASP B 228 2.10 -13.95 -8.55
C ASP B 228 1.18 -12.95 -9.23
N CYS B 229 1.69 -11.77 -9.55
CA CYS B 229 0.90 -10.81 -10.34
C CYS B 229 1.54 -10.58 -11.70
N LEU B 230 0.75 -10.07 -12.64
CA LEU B 230 1.19 -9.90 -14.02
C LEU B 230 1.91 -8.58 -14.24
N LEU B 231 1.57 -7.59 -13.42
CA LEU B 231 2.14 -6.25 -13.46
C LEU B 231 2.30 -5.73 -12.04
N PRO B 232 3.44 -5.07 -11.74
CA PRO B 232 3.48 -4.37 -10.45
C PRO B 232 2.41 -3.30 -10.36
N GLN B 233 1.94 -2.98 -9.15
CA GLN B 233 0.94 -1.93 -9.00
C GLN B 233 1.47 -0.60 -9.52
N GLU B 234 2.76 -0.36 -9.38
CA GLU B 234 3.36 0.88 -9.86
C GLU B 234 3.31 0.97 -11.39
N TRP B 235 3.37 -0.16 -12.07
CA TRP B 235 3.21 -0.16 -13.53
C TRP B 235 1.77 0.18 -13.92
N VAL B 236 0.81 -0.35 -13.17
CA VAL B 236 -0.59 0.00 -13.40
C VAL B 236 -0.76 1.52 -13.28
N GLN B 237 -0.23 2.10 -12.21
CA GLN B 237 -0.35 3.54 -11.99
C GLN B 237 0.35 4.34 -13.10
N HIS B 238 1.48 3.82 -13.56
CA HIS B 238 2.28 4.48 -14.59
C HIS B 238 1.55 4.51 -15.94
N PHE B 239 1.07 3.35 -16.39
CA PHE B 239 0.37 3.28 -17.67
C PHE B 239 -0.91 4.11 -17.64
N TYR B 240 -1.62 4.05 -16.52
CA TYR B 240 -2.84 4.83 -16.34
C TYR B 240 -2.60 6.31 -16.58
N GLN B 241 -1.51 6.84 -16.02
CA GLN B 241 -1.17 8.26 -16.18
C GLN B 241 -0.63 8.59 -17.57
N GLU B 242 0.33 7.79 -18.04
CA GLU B 242 1.00 8.05 -19.30
C GLU B 242 0.06 7.88 -20.49
N ALA B 243 -0.68 6.78 -20.48
CA ALA B 243 -1.62 6.48 -21.55
C ALA B 243 -0.95 6.55 -22.92
N ALA B 244 0.27 6.02 -23.01
CA ALA B 244 1.01 6.01 -24.27
C ALA B 244 0.42 4.96 -25.21
N PRO B 245 0.14 5.34 -26.48
CA PRO B 245 -0.47 4.37 -27.40
C PRO B 245 0.45 3.19 -27.68
N ALA B 246 -0.13 2.00 -27.78
CA ALA B 246 0.63 0.81 -28.14
C ALA B 246 0.81 0.79 -29.66
N GLN B 247 2.06 0.91 -30.10
CA GLN B 247 2.35 0.99 -31.53
C GLN B 247 2.36 -0.39 -32.18
N SER B 248 2.42 -1.42 -31.36
CA SER B 248 2.32 -2.80 -31.82
C SER B 248 1.82 -3.67 -30.67
N ASP B 249 1.66 -4.96 -30.94
CA ASP B 249 1.15 -5.91 -29.94
C ASP B 249 2.10 -6.11 -28.76
N VAL B 250 3.39 -5.85 -28.97
CA VAL B 250 4.41 -6.25 -28.01
C VAL B 250 5.51 -5.21 -27.85
N ALA B 251 5.77 -4.84 -26.59
CA ALA B 251 6.90 -3.99 -26.24
C ALA B 251 8.07 -4.84 -25.77
N LEU B 252 9.21 -4.70 -26.45
CA LEU B 252 10.41 -5.42 -26.05
C LEU B 252 11.12 -4.69 -24.90
N LEU B 253 11.25 -5.38 -23.77
CA LEU B 253 11.97 -4.84 -22.62
C LEU B 253 13.29 -5.57 -22.42
N ARG B 254 14.31 -4.82 -22.03
CA ARG B 254 15.58 -5.37 -21.58
C ARG B 254 15.74 -5.12 -20.09
N PHE B 255 16.12 -6.16 -19.36
CA PHE B 255 16.41 -6.05 -17.94
C PHE B 255 17.91 -5.86 -17.77
N VAL B 256 18.28 -4.66 -17.30
CA VAL B 256 19.64 -4.17 -17.33
C VAL B 256 20.28 -4.15 -15.94
N ASN B 257 21.57 -4.50 -15.89
CA ASN B 257 22.34 -4.47 -14.66
C ASN B 257 23.26 -3.26 -14.66
N PRO B 258 22.94 -2.24 -13.85
CA PRO B 258 23.80 -1.04 -13.86
C PRO B 258 25.19 -1.28 -13.29
N ASP B 259 25.35 -2.33 -12.49
CA ASP B 259 26.65 -2.64 -11.87
C ASP B 259 27.67 -3.19 -12.88
N THR B 260 27.19 -3.68 -14.03
CA THR B 260 28.07 -4.16 -15.09
C THR B 260 27.84 -3.44 -16.42
N GLY B 261 26.69 -2.79 -16.55
CA GLY B 261 26.33 -2.16 -17.81
C GLY B 261 25.86 -3.13 -18.88
N ARG B 262 25.56 -4.37 -18.48
CA ARG B 262 25.10 -5.38 -19.43
C ARG B 262 23.64 -5.79 -19.18
N VAL B 263 22.98 -6.20 -20.26
CA VAL B 263 21.64 -6.78 -20.22
C VAL B 263 21.67 -8.21 -19.68
N LEU B 264 20.83 -8.47 -18.69
CA LEU B 264 20.67 -9.79 -18.13
C LEU B 264 19.77 -10.66 -18.99
N PHE B 265 18.60 -10.13 -19.34
CA PHE B 265 17.68 -10.84 -20.22
C PHE B 265 16.74 -9.86 -20.90
N GLU B 266 16.05 -10.35 -21.93
CA GLU B 266 15.02 -9.58 -22.60
C GLU B 266 13.67 -10.29 -22.48
N CYS B 267 12.59 -9.53 -22.55
CA CYS B 267 11.26 -10.09 -22.38
C CYS B 267 10.23 -9.29 -23.17
N LYS B 268 9.05 -9.88 -23.32
CA LYS B 268 7.95 -9.27 -24.05
C LYS B 268 6.93 -8.73 -23.07
N LEU B 269 6.64 -7.43 -23.17
CA LEU B 269 5.50 -6.84 -22.47
C LEU B 269 4.36 -6.69 -23.46
N HIS B 270 3.37 -7.57 -23.35
CA HIS B 270 2.25 -7.57 -24.27
C HIS B 270 1.31 -6.42 -23.98
N LYS B 271 0.71 -5.86 -25.03
CA LYS B 271 -0.08 -4.65 -24.91
C LYS B 271 -1.28 -4.82 -23.98
N SER B 272 -1.78 -6.05 -23.87
CA SER B 272 -2.93 -6.29 -23.00
C SER B 272 -2.53 -6.37 -21.52
N GLY B 273 -1.22 -6.32 -21.25
CA GLY B 273 -0.72 -6.16 -19.89
C GLY B 273 -0.20 -7.40 -19.19
N TYR B 274 0.79 -8.05 -19.78
CA TYR B 274 1.49 -9.15 -19.13
C TYR B 274 2.84 -9.38 -19.81
N VAL B 275 3.72 -10.13 -19.14
CA VAL B 275 5.09 -10.32 -19.60
C VAL B 275 5.41 -11.80 -19.88
N THR B 276 6.12 -12.06 -20.98
CA THR B 276 6.63 -13.40 -21.23
C THR B 276 8.14 -13.41 -21.44
N VAL B 277 8.76 -14.57 -21.17
CA VAL B 277 10.19 -14.78 -21.37
C VAL B 277 10.42 -16.13 -22.05
N ALA B 278 11.59 -16.28 -22.65
CA ALA B 278 11.98 -17.54 -23.27
C ALA B 278 12.68 -18.43 -22.26
N HIS B 279 11.91 -19.31 -21.63
CA HIS B 279 12.44 -20.26 -20.68
C HIS B 279 11.47 -21.43 -20.49
N THR B 280 12.01 -22.60 -20.20
CA THR B 280 11.19 -23.78 -19.93
C THR B 280 11.52 -24.34 -18.54
N GLY B 281 10.49 -24.40 -17.69
CA GLY B 281 10.63 -24.94 -16.35
C GLY B 281 10.37 -23.89 -15.29
N GLN B 282 10.25 -24.34 -14.05
CA GLN B 282 10.05 -23.42 -12.93
C GLN B 282 11.39 -22.83 -12.53
N HIS B 283 11.45 -21.52 -12.39
CA HIS B 283 12.71 -20.85 -12.08
C HIS B 283 12.52 -19.56 -11.31
N ASP B 284 13.16 -19.49 -10.14
CA ASP B 284 13.27 -18.24 -9.41
C ASP B 284 14.40 -17.45 -10.04
N LEU B 285 14.09 -16.30 -10.63
CA LEU B 285 15.13 -15.50 -11.25
C LEU B 285 16.04 -14.93 -10.16
N VAL B 286 17.33 -14.92 -10.44
CA VAL B 286 18.30 -14.28 -9.58
C VAL B 286 18.68 -12.99 -10.26
N ILE B 287 18.43 -11.87 -9.61
CA ILE B 287 18.64 -10.56 -10.22
C ILE B 287 19.42 -9.65 -9.29
N PRO B 288 20.18 -8.70 -9.86
CA PRO B 288 20.88 -7.71 -9.04
C PRO B 288 19.90 -6.73 -8.39
N PRO B 289 20.18 -6.28 -7.15
CA PRO B 289 19.25 -5.38 -6.46
C PRO B 289 18.97 -4.09 -7.23
N ASN B 290 19.95 -3.61 -8.00
CA ASN B 290 19.79 -2.39 -8.81
C ASN B 290 19.29 -2.63 -10.23
N GLY B 291 18.92 -3.87 -10.55
CA GLY B 291 18.45 -4.18 -11.89
C GLY B 291 17.13 -3.49 -12.19
N TYR B 292 16.92 -3.11 -13.45
CA TYR B 292 15.68 -2.43 -13.85
C TYR B 292 15.27 -2.81 -15.28
N PHE B 293 13.97 -2.71 -15.54
CA PHE B 293 13.41 -2.87 -16.87
C PHE B 293 13.52 -1.60 -17.71
N ARG B 294 13.83 -1.76 -18.98
CA ARG B 294 13.96 -0.64 -19.90
C ARG B 294 13.27 -0.98 -21.21
N PHE B 295 12.33 -0.14 -21.64
CA PHE B 295 11.69 -0.33 -22.94
C PHE B 295 12.63 0.07 -24.07
N ASP B 296 12.87 -0.85 -25.00
CA ASP B 296 13.79 -0.59 -26.11
C ASP B 296 13.11 -0.43 -27.46
N SER B 297 12.11 -1.25 -27.77
CA SER B 297 11.42 -1.13 -29.05
C SER B 297 10.10 -1.87 -29.13
N TRP B 298 9.25 -1.44 -30.06
CA TRP B 298 8.02 -2.14 -30.40
C TRP B 298 8.33 -3.26 -31.40
N VAL B 299 7.90 -4.48 -31.04
CA VAL B 299 8.04 -5.63 -31.93
C VAL B 299 6.65 -6.27 -32.06
N ASN B 300 6.57 -7.58 -32.27
CA ASN B 300 5.26 -8.23 -32.20
C ASN B 300 5.33 -9.67 -31.70
N GLN B 301 4.19 -10.37 -31.78
CA GLN B 301 4.07 -11.70 -31.21
C GLN B 301 4.99 -12.72 -31.87
N PHE B 302 5.48 -12.41 -33.06
CA PHE B 302 6.36 -13.33 -33.79
C PHE B 302 7.83 -13.18 -33.44
N TYR B 303 8.17 -12.18 -32.62
CA TYR B 303 9.56 -11.92 -32.27
C TYR B 303 10.13 -13.04 -31.41
N THR B 304 11.33 -13.52 -31.77
CA THR B 304 11.99 -14.57 -31.01
C THR B 304 12.93 -13.96 -29.98
N LEU B 305 12.65 -14.23 -28.71
CA LEU B 305 13.51 -13.75 -27.63
C LEU B 305 14.78 -14.57 -27.51
N ALA B 306 15.87 -13.93 -27.12
CA ALA B 306 17.04 -14.64 -26.64
C ALA B 306 16.64 -15.44 -25.39
N PRO B 307 17.08 -16.71 -25.29
CA PRO B 307 16.78 -17.49 -24.09
C PRO B 307 17.15 -16.75 -22.80
N MET B 308 16.30 -16.88 -21.79
CA MET B 308 16.47 -16.12 -20.55
C MET B 308 17.75 -16.51 -19.84
#